data_3MSA
#
_entry.id   3MSA
#
_cell.length_a   93.111
_cell.length_b   93.111
_cell.length_c   128.726
_cell.angle_alpha   90.00
_cell.angle_beta   90.00
_cell.angle_gamma   120.00
#
_symmetry.space_group_name_H-M   'P 61 2 2'
#
loop_
_entity.id
_entity.type
_entity.pdbx_description
1 polymer Thermolysin
2 non-polymer 3-bromophenol
3 non-polymer 'ZINC ION'
4 non-polymer 'CALCIUM ION'
5 non-polymer GLYCEROL
6 non-polymer 'ISOPROPYL ALCOHOL'
7 water water
#
_entity_poly.entity_id   1
_entity_poly.type   'polypeptide(L)'
_entity_poly.pdbx_seq_one_letter_code
;ITGTSTVGVGRGVLGDQKNINTTYSTYYYLQDNTRGNGIFTYDAKYRTTLPGSLWADADNQFFASYDAPAVDAHYYAGVT
YDYYKNVHNRLSYDGNNAAIRSSVHYSQGYNNAFWNGSQMVYGDGDGQTFIPLSGGIDVVAHELTHAVTDYTAGLIYQNE
SGAINEAISDIFGTLVEFYANKNPDWEIGEDVYTPGISGDSLRSMSDPAKYGDPDHYSKRYTGTQDNGGVHINSGIINKA
AYLISQGGTHYGVSVVGIGRDKLGKIFYRALTQYLTPTSNFSQLRAAAVQSATDLYGSTSQEVASVKQAFDAVGVK
;
_entity_poly.pdbx_strand_id   A
#
loop_
_chem_comp.id
_chem_comp.type
_chem_comp.name
_chem_comp.formula
B3R non-polymer 3-bromophenol 'C6 H5 Br O'
CA non-polymer 'CALCIUM ION' 'Ca 2'
GOL non-polymer GLYCEROL 'C3 H8 O3'
IPA non-polymer 'ISOPROPYL ALCOHOL' 'C3 H8 O'
ZN non-polymer 'ZINC ION' 'Zn 2'
#
# COMPACT_ATOMS: atom_id res chain seq x y z
N ILE A 1 -15.28 -19.65 7.68
CA ILE A 1 -16.30 -20.63 8.05
C ILE A 1 -17.54 -20.62 7.18
N THR A 2 -18.42 -21.61 7.41
CA THR A 2 -19.66 -21.68 6.68
C THR A 2 -20.79 -20.98 7.44
N GLY A 3 -21.57 -20.16 6.76
CA GLY A 3 -22.63 -19.39 7.41
C GLY A 3 -23.36 -18.51 6.44
N THR A 4 -24.00 -17.45 6.93
CA THR A 4 -24.77 -16.56 6.08
CA THR A 4 -24.70 -16.58 5.97
C THR A 4 -24.13 -15.18 6.06
N SER A 5 -24.07 -14.53 4.91
CA SER A 5 -23.45 -13.20 4.86
C SER A 5 -24.34 -12.15 5.51
N THR A 6 -23.75 -11.29 6.35
CA THR A 6 -24.53 -10.25 7.01
C THR A 6 -23.72 -8.96 6.99
N VAL A 7 -24.32 -7.89 7.54
CA VAL A 7 -23.64 -6.61 7.55
C VAL A 7 -23.62 -6.04 8.94
N GLY A 8 -22.43 -5.91 9.51
CA GLY A 8 -22.29 -5.41 10.86
C GLY A 8 -21.95 -3.92 10.81
N VAL A 9 -21.84 -3.29 11.98
CA VAL A 9 -21.53 -1.86 12.01
C VAL A 9 -20.51 -1.64 13.11
N GLY A 10 -19.60 -0.68 12.96
CA GLY A 10 -18.65 -0.45 14.03
C GLY A 10 -17.91 0.85 13.84
N ARG A 11 -16.90 1.10 14.67
CA ARG A 11 -16.09 2.30 14.55
C ARG A 11 -14.64 1.92 14.34
N GLY A 12 -13.91 2.59 13.45
CA GLY A 12 -12.52 2.34 13.27
C GLY A 12 -11.61 3.08 14.24
N VAL A 13 -10.31 2.98 13.98
CA VAL A 13 -9.27 3.52 14.85
C VAL A 13 -9.44 5.02 15.07
N LEU A 14 -9.78 5.76 14.05
CA LEU A 14 -9.97 7.20 14.11
C LEU A 14 -11.39 7.57 14.55
N GLY A 15 -12.24 6.63 14.98
CA GLY A 15 -13.54 7.01 15.50
C GLY A 15 -14.64 7.14 14.51
N ASP A 16 -14.41 6.72 13.28
CA ASP A 16 -15.38 6.83 12.19
C ASP A 16 -16.26 5.60 12.09
N GLN A 17 -17.57 5.78 11.91
CA GLN A 17 -18.50 4.66 11.82
C GLN A 17 -18.52 4.11 10.41
N LYS A 18 -18.47 2.78 10.33
CA LYS A 18 -18.60 2.17 9.01
C LYS A 18 -19.27 0.81 9.14
N ASN A 19 -19.86 0.40 8.04
CA ASN A 19 -20.44 -0.91 7.89
C ASN A 19 -19.36 -1.89 7.40
N ILE A 20 -19.44 -3.12 7.88
CA ILE A 20 -18.49 -4.17 7.50
C ILE A 20 -19.27 -5.46 7.18
N ASN A 21 -18.70 -6.18 6.22
CA ASN A 21 -19.29 -7.44 5.78
C ASN A 21 -18.82 -8.54 6.72
N THR A 22 -19.81 -9.21 7.35
CA THR A 22 -19.51 -10.31 8.26
C THR A 22 -20.23 -11.58 7.85
N THR A 23 -20.04 -12.64 8.61
CA THR A 23 -20.67 -13.92 8.36
C THR A 23 -21.25 -14.47 9.65
N TYR A 24 -22.51 -14.86 9.66
CA TYR A 24 -23.14 -15.39 10.87
C TYR A 24 -23.17 -16.90 10.89
N SER A 25 -22.70 -17.45 12.00
CA SER A 25 -22.88 -18.84 12.38
C SER A 25 -22.55 -18.95 13.88
N THR A 26 -23.60 -18.76 14.66
CA THR A 26 -23.68 -18.63 16.10
C THR A 26 -23.12 -17.29 16.58
N TYR A 27 -21.89 -17.00 16.17
CA TYR A 27 -21.29 -15.69 16.34
C TYR A 27 -21.26 -15.01 14.98
N TYR A 28 -21.00 -13.71 15.01
CA TYR A 28 -20.72 -12.96 13.80
C TYR A 28 -19.19 -12.85 13.61
N TYR A 29 -18.72 -13.35 12.49
CA TYR A 29 -17.30 -13.31 12.21
C TYR A 29 -16.88 -12.25 11.20
N LEU A 30 -15.67 -11.75 11.36
CA LEU A 30 -15.12 -10.85 10.32
C LEU A 30 -14.65 -11.66 9.13
N GLN A 31 -15.62 -12.03 8.33
CA GLN A 31 -15.51 -12.82 7.12
C GLN A 31 -16.47 -12.20 6.09
N ASP A 32 -15.87 -11.56 5.10
CA ASP A 32 -16.51 -10.86 4.00
C ASP A 32 -16.60 -11.80 2.80
N ASN A 33 -17.80 -12.28 2.48
CA ASN A 33 -17.96 -13.16 1.34
C ASN A 33 -18.22 -12.50 0.01
N THR A 34 -18.27 -11.19 0.04
CA THR A 34 -18.73 -10.42 -1.10
C THR A 34 -17.56 -10.15 -2.04
N ARG A 35 -16.35 -10.44 -1.58
CA ARG A 35 -15.15 -10.17 -2.39
C ARG A 35 -14.30 -11.41 -2.58
N GLY A 36 -14.18 -11.86 -3.84
CA GLY A 36 -13.34 -13.00 -4.13
C GLY A 36 -13.65 -14.25 -3.35
N ASN A 37 -12.61 -14.89 -2.82
CA ASN A 37 -12.78 -16.08 -2.01
C ASN A 37 -12.84 -15.69 -0.55
N GLY A 38 -13.04 -14.41 -0.29
CA GLY A 38 -13.18 -14.00 1.10
C GLY A 38 -12.11 -13.09 1.64
N ILE A 39 -12.54 -12.18 2.52
CA ILE A 39 -11.66 -11.35 3.32
C ILE A 39 -11.90 -11.75 4.78
N PHE A 40 -10.84 -12.15 5.48
CA PHE A 40 -10.90 -12.73 6.80
C PHE A 40 -10.00 -11.98 7.77
N THR A 41 -10.55 -11.57 8.92
CA THR A 41 -9.74 -10.83 9.89
C THR A 41 -9.70 -11.60 11.21
N TYR A 42 -8.50 -11.67 11.75
CA TYR A 42 -8.14 -12.47 12.90
C TYR A 42 -7.64 -11.61 14.07
N ASP A 43 -7.83 -12.13 15.28
CA ASP A 43 -7.29 -11.57 16.52
C ASP A 43 -5.99 -12.28 16.90
N ALA A 44 -4.85 -11.59 16.89
CA ALA A 44 -3.62 -12.19 17.36
C ALA A 44 -3.45 -12.02 18.88
N LYS A 45 -4.34 -11.32 19.56
CA LYS A 45 -4.43 -11.27 21.02
C LYS A 45 -3.13 -10.93 21.73
N TYR A 46 -2.44 -9.96 21.16
CA TYR A 46 -1.21 -9.36 21.67
C TYR A 46 -0.03 -10.33 21.62
N ARG A 47 -0.10 -11.39 20.83
CA ARG A 47 0.93 -12.40 20.70
C ARG A 47 1.41 -12.46 19.25
N THR A 48 2.33 -13.35 18.94
CA THR A 48 2.93 -13.35 17.62
C THR A 48 2.74 -14.68 16.92
N THR A 49 1.89 -15.51 17.51
CA THR A 49 1.45 -16.74 16.83
C THR A 49 0.38 -16.40 15.81
N LEU A 50 0.58 -16.71 14.53
CA LEU A 50 -0.31 -16.30 13.42
C LEU A 50 -1.02 -17.49 12.79
N PRO A 51 -2.23 -17.29 12.32
CA PRO A 51 -2.92 -16.00 12.32
C PRO A 51 -3.63 -15.60 13.60
N GLY A 52 -3.79 -16.49 14.58
CA GLY A 52 -4.63 -16.18 15.71
C GLY A 52 -6.05 -16.69 15.42
N SER A 53 -7.10 -16.14 16.02
CA SER A 53 -8.40 -16.76 15.75
CA SER A 53 -8.44 -16.69 15.85
C SER A 53 -9.31 -15.86 14.92
N LEU A 54 -10.11 -16.50 14.08
CA LEU A 54 -11.01 -15.71 13.24
C LEU A 54 -11.86 -14.81 14.14
N TRP A 55 -11.92 -13.52 13.80
CA TRP A 55 -12.57 -12.59 14.72
C TRP A 55 -14.07 -12.92 14.88
N ALA A 56 -14.47 -13.17 16.12
CA ALA A 56 -15.84 -13.48 16.46
C ALA A 56 -16.42 -12.48 17.46
N ASP A 57 -17.66 -12.11 17.18
CA ASP A 57 -18.40 -11.09 17.92
C ASP A 57 -19.83 -11.55 18.15
N ALA A 58 -20.38 -11.35 19.35
CA ALA A 58 -21.71 -11.86 19.69
C ALA A 58 -22.85 -11.19 18.96
N ASP A 59 -22.70 -9.91 18.63
CA ASP A 59 -23.89 -9.16 18.21
C ASP A 59 -23.73 -8.36 16.94
N ASN A 60 -22.65 -8.50 16.20
CA ASN A 60 -22.44 -7.78 14.95
C ASN A 60 -22.23 -6.28 15.11
N GLN A 61 -21.95 -5.81 16.32
CA GLN A 61 -21.65 -4.39 16.55
C GLN A 61 -20.24 -4.32 17.10
N PHE A 62 -19.42 -3.47 16.47
CA PHE A 62 -18.00 -3.47 16.71
C PHE A 62 -17.53 -2.08 17.13
N PHE A 63 -18.04 -1.64 18.29
CA PHE A 63 -17.74 -0.32 18.79
C PHE A 63 -16.82 -0.26 19.99
N ALA A 64 -16.35 -1.40 20.47
CA ALA A 64 -15.34 -1.39 21.53
C ALA A 64 -13.99 -0.93 21.02
N SER A 65 -13.18 -0.34 21.90
CA SER A 65 -11.84 0.07 21.55
C SER A 65 -11.02 -1.08 20.94
N TYR A 66 -11.12 -2.24 21.57
CA TYR A 66 -10.45 -3.45 21.10
C TYR A 66 -10.85 -3.83 19.67
N ASP A 67 -12.08 -3.47 19.29
CA ASP A 67 -12.58 -3.82 17.96
C ASP A 67 -12.02 -2.94 16.84
N ALA A 68 -11.65 -1.70 17.17
CA ALA A 68 -11.37 -0.71 16.13
C ALA A 68 -10.30 -1.14 15.14
N PRO A 69 -9.17 -1.70 15.53
CA PRO A 69 -8.17 -2.10 14.54
C PRO A 69 -8.68 -3.21 13.64
N ALA A 70 -9.54 -4.09 14.17
CA ALA A 70 -10.10 -5.13 13.29
C ALA A 70 -11.03 -4.55 12.24
N VAL A 71 -11.90 -3.63 12.68
CA VAL A 71 -12.84 -2.96 11.78
C VAL A 71 -12.09 -2.38 10.59
N ASP A 72 -10.99 -1.68 10.87
CA ASP A 72 -10.29 -0.97 9.81
C ASP A 72 -9.48 -1.95 8.95
N ALA A 73 -8.87 -2.96 9.55
CA ALA A 73 -8.11 -3.92 8.73
C ALA A 73 -9.04 -4.58 7.71
N HIS A 74 -10.23 -4.91 8.18
CA HIS A 74 -11.23 -5.63 7.41
C HIS A 74 -11.77 -4.72 6.32
N TYR A 75 -12.19 -3.51 6.71
CA TYR A 75 -12.77 -2.55 5.76
C TYR A 75 -11.78 -2.11 4.70
N TYR A 76 -10.57 -1.77 5.12
CA TYR A 76 -9.60 -1.22 4.16
C TYR A 76 -9.06 -2.35 3.26
N ALA A 77 -9.05 -3.59 3.73
CA ALA A 77 -8.78 -4.69 2.80
C ALA A 77 -9.81 -4.73 1.67
N GLY A 78 -11.07 -4.50 2.03
CA GLY A 78 -12.13 -4.43 1.04
C GLY A 78 -11.92 -3.29 0.05
N VAL A 79 -11.54 -2.11 0.58
CA VAL A 79 -11.34 -0.98 -0.31
C VAL A 79 -10.21 -1.27 -1.29
N THR A 80 -9.13 -1.84 -0.80
CA THR A 80 -7.98 -2.20 -1.61
C THR A 80 -8.38 -3.24 -2.68
N TYR A 81 -9.15 -4.24 -2.25
CA TYR A 81 -9.68 -5.23 -3.18
C TYR A 81 -10.42 -4.50 -4.30
N ASP A 82 -11.32 -3.60 -3.90
CA ASP A 82 -12.15 -2.92 -4.89
C ASP A 82 -11.30 -2.08 -5.84
N TYR A 83 -10.26 -1.44 -5.34
CA TYR A 83 -9.38 -0.65 -6.19
C TYR A 83 -8.83 -1.52 -7.32
N TYR A 84 -8.21 -2.63 -6.91
CA TYR A 84 -7.53 -3.46 -7.92
C TYR A 84 -8.51 -4.09 -8.89
N LYS A 85 -9.68 -4.45 -8.40
CA LYS A 85 -10.68 -5.04 -9.29
C LYS A 85 -11.28 -4.03 -10.26
N ASN A 86 -11.76 -2.91 -9.75
CA ASN A 86 -12.48 -1.90 -10.49
C ASN A 86 -11.55 -1.09 -11.39
N VAL A 87 -10.35 -0.80 -10.92
CA VAL A 87 -9.41 0.03 -11.69
C VAL A 87 -8.48 -0.75 -12.58
N HIS A 88 -8.00 -1.93 -12.18
CA HIS A 88 -7.03 -2.68 -12.98
C HIS A 88 -7.51 -4.06 -13.40
N ASN A 89 -8.78 -4.36 -13.17
CA ASN A 89 -9.35 -5.66 -13.52
C ASN A 89 -8.55 -6.80 -12.92
N ARG A 90 -8.06 -6.62 -11.69
CA ARG A 90 -7.28 -7.65 -11.02
C ARG A 90 -8.08 -8.22 -9.86
N LEU A 91 -8.26 -9.53 -9.83
CA LEU A 91 -9.07 -10.18 -8.80
C LEU A 91 -8.16 -10.72 -7.71
N SER A 92 -8.01 -9.94 -6.65
CA SER A 92 -7.08 -10.24 -5.57
C SER A 92 -5.62 -10.31 -6.02
N TYR A 93 -4.75 -10.68 -5.08
CA TYR A 93 -3.33 -10.49 -5.35
C TYR A 93 -2.72 -11.49 -6.32
N ASP A 94 -3.27 -12.68 -6.42
CA ASP A 94 -2.82 -13.66 -7.37
C ASP A 94 -3.61 -13.56 -8.67
N GLY A 95 -4.57 -12.64 -8.76
CA GLY A 95 -5.36 -12.59 -9.99
C GLY A 95 -6.46 -13.62 -10.08
N ASN A 96 -6.58 -14.49 -9.09
CA ASN A 96 -7.60 -15.54 -9.08
C ASN A 96 -8.38 -15.61 -7.78
N ASN A 97 -8.61 -14.44 -7.20
CA ASN A 97 -9.42 -14.24 -6.00
C ASN A 97 -8.94 -14.97 -4.77
N ALA A 98 -7.62 -15.10 -4.60
CA ALA A 98 -7.08 -15.57 -3.34
C ALA A 98 -7.69 -14.86 -2.14
N ALA A 99 -7.97 -15.64 -1.12
CA ALA A 99 -8.44 -15.13 0.15
C ALA A 99 -7.47 -14.10 0.70
N ILE A 100 -8.01 -13.02 1.24
CA ILE A 100 -7.21 -12.01 1.92
C ILE A 100 -7.38 -12.15 3.43
N ARG A 101 -6.29 -12.44 4.13
CA ARG A 101 -6.32 -12.66 5.58
C ARG A 101 -5.48 -11.62 6.32
N SER A 102 -5.95 -11.10 7.44
CA SER A 102 -5.28 -10.10 8.23
C SER A 102 -5.38 -10.40 9.72
N SER A 103 -4.29 -10.15 10.45
CA SER A 103 -4.32 -10.33 11.89
C SER A 103 -4.06 -8.96 12.54
N VAL A 104 -4.87 -8.64 13.53
CA VAL A 104 -4.63 -7.41 14.31
C VAL A 104 -4.25 -7.74 15.75
N HIS A 105 -3.87 -6.72 16.51
CA HIS A 105 -3.40 -6.90 17.88
C HIS A 105 -2.18 -7.81 17.88
N TYR A 106 -1.30 -7.60 16.91
CA TYR A 106 -0.07 -8.38 16.87
C TYR A 106 0.95 -7.85 17.89
N SER A 107 1.39 -8.71 18.78
CA SER A 107 2.37 -8.40 19.80
C SER A 107 1.92 -7.26 20.68
N GLN A 108 2.86 -6.64 21.39
CA GLN A 108 2.59 -5.53 22.27
C GLN A 108 3.47 -4.32 21.85
N GLY A 109 2.80 -3.19 21.74
CA GLY A 109 3.36 -1.92 21.34
C GLY A 109 4.18 -2.00 20.07
N TYR A 110 3.69 -2.77 19.11
CA TYR A 110 4.42 -3.06 17.88
C TYR A 110 4.14 -1.99 16.83
N ASN A 111 5.15 -1.19 16.51
CA ASN A 111 5.06 -0.02 15.63
C ASN A 111 5.31 -0.37 14.17
N ASN A 112 4.54 -1.32 13.66
CA ASN A 112 4.73 -1.73 12.27
C ASN A 112 3.52 -2.54 11.80
N ALA A 113 3.48 -2.78 10.51
CA ALA A 113 2.50 -3.60 9.81
C ALA A 113 3.25 -4.25 8.63
N PHE A 114 2.95 -5.50 8.32
CA PHE A 114 3.71 -6.16 7.26
C PHE A 114 2.89 -7.29 6.64
N TRP A 115 3.33 -7.67 5.45
CA TRP A 115 2.83 -8.81 4.72
C TRP A 115 3.87 -9.93 4.95
N ASN A 116 3.42 -11.06 5.49
CA ASN A 116 4.37 -12.09 5.90
C ASN A 116 4.55 -13.19 4.86
N GLY A 117 4.15 -12.98 3.63
CA GLY A 117 4.19 -13.98 2.58
C GLY A 117 2.86 -14.63 2.34
N SER A 118 1.98 -14.61 3.34
CA SER A 118 0.68 -15.23 3.27
C SER A 118 -0.51 -14.39 3.73
N GLN A 119 -0.23 -13.41 4.57
CA GLN A 119 -1.25 -12.62 5.21
C GLN A 119 -0.72 -11.26 5.70
N MET A 120 -1.65 -10.33 5.99
CA MET A 120 -1.36 -9.08 6.68
C MET A 120 -1.32 -9.24 8.20
N VAL A 121 -0.42 -8.44 8.77
CA VAL A 121 -0.15 -8.38 10.18
C VAL A 121 -0.04 -6.93 10.62
N TYR A 122 -0.81 -6.54 11.63
CA TYR A 122 -0.83 -5.18 12.13
C TYR A 122 -0.58 -5.07 13.64
N GLY A 123 0.45 -4.31 13.98
CA GLY A 123 0.63 -3.90 15.37
C GLY A 123 -0.36 -2.84 15.80
N ASP A 124 -0.41 -2.63 17.12
CA ASP A 124 -1.26 -1.61 17.69
C ASP A 124 -0.51 -0.30 17.89
N GLY A 125 0.80 -0.30 17.70
CA GLY A 125 1.64 0.86 17.93
C GLY A 125 1.86 1.00 19.42
N ASP A 126 2.70 1.95 19.82
CA ASP A 126 2.95 2.15 21.26
C ASP A 126 2.16 3.33 21.76
N GLY A 127 1.41 3.96 20.87
CA GLY A 127 0.57 5.08 21.30
C GLY A 127 1.27 6.41 21.22
N GLN A 128 2.57 6.39 20.94
CA GLN A 128 3.36 7.60 20.78
C GLN A 128 3.90 7.80 19.38
N THR A 129 4.58 6.77 18.90
CA THR A 129 5.07 6.81 17.53
C THR A 129 3.96 6.44 16.57
N PHE A 130 3.19 5.41 16.93
CA PHE A 130 2.07 5.00 16.10
C PHE A 130 0.86 4.62 16.95
N ILE A 131 -0.33 4.80 16.44
CA ILE A 131 -1.58 4.19 16.92
C ILE A 131 -1.86 2.96 16.05
N PRO A 132 -2.87 2.16 16.27
CA PRO A 132 -3.01 0.89 15.48
C PRO A 132 -2.95 1.13 13.99
N LEU A 133 -2.06 0.35 13.35
CA LEU A 133 -1.60 0.71 12.01
C LEU A 133 -2.62 0.49 10.92
N SER A 134 -3.62 -0.34 11.14
CA SER A 134 -4.72 -0.53 10.22
C SER A 134 -5.63 0.70 10.10
N GLY A 135 -5.44 1.71 10.95
CA GLY A 135 -6.15 2.97 10.78
C GLY A 135 -5.76 3.78 9.59
N GLY A 136 -4.62 3.42 8.98
CA GLY A 136 -4.06 4.11 7.81
C GLY A 136 -4.39 3.43 6.52
N ILE A 137 -5.27 4.02 5.69
CA ILE A 137 -5.61 3.26 4.47
C ILE A 137 -4.38 3.12 3.59
N ASP A 138 -3.49 4.13 3.56
CA ASP A 138 -2.27 4.01 2.78
C ASP A 138 -1.35 2.91 3.31
N VAL A 139 -1.32 2.69 4.62
CA VAL A 139 -0.54 1.61 5.20
C VAL A 139 -1.11 0.24 4.80
N VAL A 140 -2.42 0.09 4.95
CA VAL A 140 -3.06 -1.15 4.54
C VAL A 140 -2.79 -1.48 3.09
N ALA A 141 -3.02 -0.51 2.20
CA ALA A 141 -2.86 -0.82 0.77
C ALA A 141 -1.40 -0.92 0.38
N HIS A 142 -0.51 -0.18 1.04
CA HIS A 142 0.92 -0.34 0.80
C HIS A 142 1.24 -1.81 1.02
N GLU A 143 0.87 -2.27 2.22
CA GLU A 143 1.37 -3.63 2.57
C GLU A 143 0.67 -4.69 1.73
N LEU A 144 -0.63 -4.54 1.46
CA LEU A 144 -1.32 -5.49 0.59
C LEU A 144 -0.70 -5.49 -0.80
N THR A 145 -0.24 -4.32 -1.26
CA THR A 145 0.39 -4.25 -2.59
C THR A 145 1.64 -5.14 -2.65
N HIS A 146 2.34 -5.40 -1.54
CA HIS A 146 3.48 -6.31 -1.64
C HIS A 146 3.04 -7.70 -2.11
N ALA A 147 1.83 -8.08 -1.73
CA ALA A 147 1.35 -9.42 -2.12
C ALA A 147 1.27 -9.54 -3.62
N VAL A 148 0.75 -8.50 -4.29
CA VAL A 148 0.71 -8.57 -5.74
C VAL A 148 2.08 -8.40 -6.39
N THR A 149 2.90 -7.51 -5.83
CA THR A 149 4.26 -7.38 -6.36
C THR A 149 4.98 -8.71 -6.27
N ASP A 150 4.89 -9.39 -5.12
CA ASP A 150 5.56 -10.68 -4.99
C ASP A 150 5.02 -11.71 -5.97
N TYR A 151 3.73 -11.61 -6.32
CA TYR A 151 3.13 -12.56 -7.25
C TYR A 151 3.44 -12.26 -8.71
N THR A 152 3.83 -11.02 -9.03
CA THR A 152 3.97 -10.58 -10.42
C THR A 152 5.44 -10.32 -10.73
N ALA A 153 6.06 -9.17 -10.74
CA ALA A 153 7.45 -8.84 -10.89
C ALA A 153 8.35 -9.64 -9.96
N GLY A 154 7.94 -9.80 -8.70
CA GLY A 154 8.75 -10.56 -7.78
C GLY A 154 10.04 -9.87 -7.37
N LEU A 155 10.00 -8.55 -7.35
CA LEU A 155 11.16 -7.75 -7.02
C LEU A 155 11.75 -8.19 -5.69
N ILE A 156 13.03 -8.54 -5.75
CA ILE A 156 13.75 -8.99 -4.57
C ILE A 156 13.93 -7.83 -3.59
N TYR A 157 13.86 -8.15 -2.29
CA TYR A 157 13.80 -7.08 -1.28
C TYR A 157 15.17 -6.64 -0.80
N GLN A 158 15.99 -6.18 -1.76
CA GLN A 158 17.28 -5.62 -1.40
C GLN A 158 17.74 -4.72 -2.53
N ASN A 159 18.53 -3.71 -2.17
CA ASN A 159 19.18 -2.77 -3.08
C ASN A 159 18.16 -2.12 -4.01
N GLU A 160 18.44 -1.90 -5.29
CA GLU A 160 17.51 -1.12 -6.12
C GLU A 160 16.20 -1.86 -6.36
N SER A 161 16.25 -3.18 -6.57
CA SER A 161 14.98 -3.87 -6.83
CA SER A 161 15.01 -3.91 -6.79
C SER A 161 14.07 -3.74 -5.60
N GLY A 162 14.67 -3.76 -4.42
CA GLY A 162 13.93 -3.62 -3.18
C GLY A 162 13.33 -2.24 -3.04
N ALA A 163 14.12 -1.23 -3.40
CA ALA A 163 13.60 0.13 -3.32
C ALA A 163 12.44 0.36 -4.28
N ILE A 164 12.47 -0.29 -5.46
CA ILE A 164 11.36 -0.26 -6.41
C ILE A 164 10.13 -0.94 -5.80
N ASN A 165 10.34 -2.08 -5.17
CA ASN A 165 9.27 -2.83 -4.53
C ASN A 165 8.56 -1.92 -3.53
N GLU A 166 9.34 -1.24 -2.68
CA GLU A 166 8.81 -0.32 -1.68
C GLU A 166 8.08 0.86 -2.31
N ALA A 167 8.68 1.47 -3.33
CA ALA A 167 8.03 2.58 -4.01
C ALA A 167 6.72 2.16 -4.63
N ILE A 168 6.70 0.96 -5.24
CA ILE A 168 5.44 0.48 -5.80
CA ILE A 168 5.42 0.49 -5.82
C ILE A 168 4.35 0.43 -4.74
N SER A 169 4.74 -0.02 -3.55
CA SER A 169 3.73 -0.10 -2.49
C SER A 169 3.29 1.29 -2.03
N ASP A 170 4.21 2.25 -1.98
CA ASP A 170 3.83 3.63 -1.62
C ASP A 170 2.92 4.25 -2.68
N ILE A 171 3.26 3.99 -3.94
CA ILE A 171 2.50 4.48 -5.08
C ILE A 171 1.07 3.93 -5.02
N PHE A 172 0.89 2.61 -5.01
CA PHE A 172 -0.52 2.14 -4.96
C PHE A 172 -1.18 2.36 -3.63
N GLY A 173 -0.44 2.40 -2.52
CA GLY A 173 -1.03 2.79 -1.24
C GLY A 173 -1.63 4.18 -1.33
N THR A 174 -0.90 5.09 -1.97
CA THR A 174 -1.45 6.44 -2.18
C THR A 174 -2.61 6.48 -3.14
N LEU A 175 -2.56 5.75 -4.26
CA LEU A 175 -3.67 5.75 -5.19
C LEU A 175 -4.91 5.10 -4.60
N VAL A 176 -4.75 4.14 -3.68
CA VAL A 176 -5.94 3.61 -3.01
C VAL A 176 -6.49 4.68 -2.07
N GLU A 177 -5.62 5.42 -1.38
CA GLU A 177 -6.09 6.50 -0.51
C GLU A 177 -6.87 7.56 -1.28
N PHE A 178 -6.39 7.91 -2.47
CA PHE A 178 -7.17 8.81 -3.33
C PHE A 178 -8.46 8.18 -3.82
N TYR A 179 -8.45 6.90 -4.16
CA TYR A 179 -9.64 6.15 -4.54
C TYR A 179 -10.73 6.21 -3.48
N ALA A 180 -10.37 6.11 -2.22
CA ALA A 180 -11.33 6.12 -1.14
C ALA A 180 -11.79 7.56 -0.88
N ASN A 181 -10.94 8.48 -1.29
CA ASN A 181 -11.14 9.93 -1.24
C ASN A 181 -11.56 10.51 0.12
N LYS A 182 -10.89 10.11 1.17
CA LYS A 182 -10.92 10.67 2.50
C LYS A 182 -9.53 11.25 2.80
N ASN A 183 -9.47 12.58 2.81
CA ASN A 183 -8.27 13.33 3.11
C ASN A 183 -7.07 12.79 2.36
N PRO A 184 -7.14 12.64 1.06
CA PRO A 184 -6.01 12.00 0.35
C PRO A 184 -4.84 12.95 0.15
N ASP A 185 -3.63 12.40 0.13
CA ASP A 185 -2.39 13.14 -0.04
C ASP A 185 -1.29 12.25 -0.58
N TRP A 186 -0.11 12.79 -0.75
CA TRP A 186 1.05 12.06 -1.25
C TRP A 186 2.02 11.79 -0.12
N GLU A 187 1.52 11.76 1.10
CA GLU A 187 2.32 11.41 2.27
C GLU A 187 1.97 10.00 2.76
N ILE A 188 2.85 9.37 3.50
CA ILE A 188 2.59 7.99 3.93
C ILE A 188 2.46 7.86 5.44
N GLY A 189 1.28 7.45 5.88
CA GLY A 189 1.06 7.03 7.25
C GLY A 189 0.61 8.14 8.17
N GLU A 190 0.23 9.28 7.62
CA GLU A 190 -0.14 10.46 8.41
C GLU A 190 -1.28 10.20 9.37
N ASP A 191 -2.20 9.28 9.09
CA ASP A 191 -3.39 9.06 9.92
C ASP A 191 -3.10 8.25 11.18
N VAL A 192 -1.98 7.52 11.17
CA VAL A 192 -1.63 6.74 12.35
C VAL A 192 -0.32 7.11 13.00
N TYR A 193 0.43 8.06 12.46
CA TYR A 193 1.77 8.37 12.95
C TYR A 193 1.74 9.51 13.97
N THR A 194 2.53 9.38 15.03
CA THR A 194 2.68 10.39 16.06
C THR A 194 1.38 11.12 16.38
N PRO A 195 0.49 10.49 17.12
CA PRO A 195 -0.76 11.15 17.51
C PRO A 195 -0.57 12.52 18.15
N GLY A 196 0.56 12.81 18.78
CA GLY A 196 0.67 14.15 19.37
C GLY A 196 1.25 15.19 18.45
N ILE A 197 1.68 14.78 17.25
CA ILE A 197 2.20 15.80 16.33
C ILE A 197 1.35 15.87 15.08
N SER A 198 0.84 17.06 14.75
CA SER A 198 0.03 17.11 13.55
C SER A 198 0.88 17.50 12.35
N GLY A 199 0.41 17.07 11.18
CA GLY A 199 0.93 17.39 9.88
C GLY A 199 2.11 16.56 9.45
N ASP A 200 2.54 15.58 10.24
CA ASP A 200 3.71 14.80 9.84
C ASP A 200 3.26 13.43 9.29
N SER A 201 4.26 12.70 8.79
CA SER A 201 4.10 11.35 8.26
C SER A 201 5.45 10.64 8.36
N LEU A 202 5.49 9.38 8.00
CA LEU A 202 6.74 8.64 8.05
C LEU A 202 7.63 8.90 6.84
N ARG A 203 6.99 8.98 5.69
CA ARG A 203 7.59 9.30 4.42
C ARG A 203 6.73 10.31 3.66
N SER A 204 7.36 10.99 2.73
CA SER A 204 6.68 11.89 1.79
C SER A 204 7.00 11.48 0.35
N MET A 205 6.03 11.36 -0.54
CA MET A 205 6.33 11.14 -1.96
C MET A 205 6.61 12.45 -2.68
N SER A 206 5.90 13.47 -2.21
CA SER A 206 5.99 14.77 -2.87
C SER A 206 7.32 15.46 -2.58
N ASP A 207 7.86 15.20 -1.40
CA ASP A 207 9.14 15.73 -0.96
C ASP A 207 9.83 14.74 -0.03
N PRO A 208 10.37 13.67 -0.61
CA PRO A 208 11.04 12.64 0.20
C PRO A 208 12.04 13.23 1.19
N ALA A 209 12.75 14.28 0.79
CA ALA A 209 13.77 14.88 1.63
C ALA A 209 13.22 15.46 2.92
N LYS A 210 11.93 15.73 2.99
CA LYS A 210 11.34 16.22 4.24
C LYS A 210 11.72 15.35 5.42
N TYR A 211 11.81 14.06 5.16
CA TYR A 211 12.14 13.13 6.23
C TYR A 211 13.44 12.38 5.94
N GLY A 212 14.40 13.01 5.24
CA GLY A 212 15.72 12.54 5.01
C GLY A 212 16.00 11.52 3.93
N ASP A 213 14.98 11.19 3.15
CA ASP A 213 15.13 10.25 2.05
C ASP A 213 15.54 10.99 0.77
N PRO A 214 16.33 10.33 -0.05
CA PRO A 214 16.84 10.91 -1.29
C PRO A 214 15.74 11.16 -2.31
N ASP A 215 15.90 12.24 -3.06
CA ASP A 215 15.00 12.64 -4.13
C ASP A 215 15.75 12.80 -5.46
N HIS A 216 16.91 12.18 -5.53
CA HIS A 216 17.79 12.18 -6.69
C HIS A 216 18.76 11.01 -6.56
N TYR A 217 19.06 10.32 -7.65
CA TYR A 217 19.91 9.16 -7.69
C TYR A 217 21.31 9.38 -7.13
N SER A 218 21.81 10.57 -7.32
CA SER A 218 23.09 11.02 -6.81
C SER A 218 23.11 11.11 -5.29
N LYS A 219 21.93 11.12 -4.67
CA LYS A 219 21.80 11.15 -3.22
C LYS A 219 21.47 9.76 -2.65
N ARG A 220 21.54 8.73 -3.47
CA ARG A 220 21.19 7.41 -2.97
C ARG A 220 22.14 6.90 -1.90
N TYR A 221 21.54 6.07 -1.06
CA TYR A 221 22.24 5.40 0.03
C TYR A 221 22.87 4.13 -0.51
N THR A 222 24.15 3.91 -0.25
CA THR A 222 24.96 2.88 -0.87
C THR A 222 25.36 1.78 0.11
N GLY A 223 25.09 1.93 1.38
CA GLY A 223 25.33 1.05 2.48
C GLY A 223 24.54 -0.21 2.58
N THR A 224 24.74 -0.95 3.67
CA THR A 224 24.14 -2.28 3.82
C THR A 224 22.95 -2.34 4.75
N GLN A 225 22.72 -1.32 5.56
CA GLN A 225 21.56 -1.27 6.44
C GLN A 225 20.26 -1.17 5.64
N ASP A 226 19.15 -1.52 6.28
CA ASP A 226 17.84 -1.50 5.61
C ASP A 226 17.93 -2.27 4.29
N ASN A 227 18.65 -3.39 4.28
CA ASN A 227 18.70 -4.26 3.10
C ASN A 227 19.19 -3.48 1.87
N GLY A 228 20.14 -2.59 2.09
CA GLY A 228 20.68 -1.69 1.09
C GLY A 228 19.75 -0.51 0.85
N GLY A 229 19.04 -0.05 1.86
CA GLY A 229 18.24 1.15 1.75
C GLY A 229 16.89 1.08 1.08
N VAL A 230 16.23 -0.06 1.18
CA VAL A 230 14.97 -0.24 0.45
C VAL A 230 13.92 0.79 0.84
N HIS A 231 13.92 1.21 2.09
CA HIS A 231 12.93 2.18 2.55
C HIS A 231 13.45 3.63 2.47
N ILE A 232 14.67 3.74 2.01
CA ILE A 232 15.32 5.04 1.89
C ILE A 232 15.33 5.47 0.43
N ASN A 233 15.98 4.65 -0.40
CA ASN A 233 16.07 4.91 -1.82
C ASN A 233 14.77 4.79 -2.58
N SER A 234 13.74 4.24 -1.97
CA SER A 234 12.38 4.34 -2.50
C SER A 234 12.02 5.78 -2.79
N GLY A 235 12.58 6.76 -2.06
CA GLY A 235 12.20 8.15 -2.29
C GLY A 235 12.47 8.63 -3.69
N ILE A 236 13.51 8.05 -4.33
CA ILE A 236 13.89 8.46 -5.67
C ILE A 236 12.79 8.10 -6.65
N ILE A 237 12.23 6.91 -6.46
CA ILE A 237 11.18 6.43 -7.34
C ILE A 237 9.84 7.07 -6.96
N ASN A 238 9.57 7.26 -5.67
CA ASN A 238 8.38 7.96 -5.21
C ASN A 238 8.33 9.35 -5.83
N LYS A 239 9.45 10.08 -5.83
CA LYS A 239 9.47 11.41 -6.41
C LYS A 239 9.23 11.38 -7.91
N ALA A 240 9.80 10.39 -8.58
CA ALA A 240 9.53 10.26 -10.02
C ALA A 240 8.04 10.05 -10.25
N ALA A 241 7.43 9.14 -9.50
CA ALA A 241 6.00 8.86 -9.63
C ALA A 241 5.18 10.09 -9.33
N TYR A 242 5.48 10.79 -8.25
CA TYR A 242 4.79 12.05 -7.96
C TYR A 242 4.88 13.06 -9.11
N LEU A 243 6.06 13.20 -9.71
CA LEU A 243 6.22 14.17 -10.81
C LEU A 243 5.44 13.73 -12.04
N ILE A 244 5.43 12.42 -12.31
CA ILE A 244 4.66 11.97 -13.48
C ILE A 244 3.20 12.35 -13.34
N SER A 245 2.64 12.21 -12.13
CA SER A 245 1.24 12.55 -11.86
C SER A 245 1.02 14.05 -11.70
N GLN A 246 1.84 14.69 -10.90
CA GLN A 246 1.53 16.07 -10.54
C GLN A 246 2.34 17.11 -11.29
N GLY A 247 3.41 16.70 -11.93
CA GLY A 247 4.28 17.65 -12.60
C GLY A 247 5.17 18.39 -11.64
N GLY A 248 6.09 19.17 -12.21
CA GLY A 248 6.90 20.08 -11.41
C GLY A 248 8.28 20.25 -12.02
N THR A 249 9.12 21.08 -11.45
CA THR A 249 10.48 21.28 -11.86
C THR A 249 11.35 20.88 -10.69
N HIS A 250 12.21 19.93 -10.89
CA HIS A 250 13.03 19.33 -9.86
C HIS A 250 14.47 19.27 -10.35
N TYR A 251 15.33 19.87 -9.54
CA TYR A 251 16.72 20.12 -9.88
C TYR A 251 16.86 20.66 -11.30
N GLY A 252 15.94 21.56 -11.66
CA GLY A 252 15.96 22.26 -12.92
C GLY A 252 15.33 21.52 -14.06
N VAL A 253 14.81 20.32 -13.82
CA VAL A 253 14.19 19.54 -14.89
C VAL A 253 12.67 19.61 -14.78
N SER A 254 12.00 20.08 -15.82
CA SER A 254 10.56 20.24 -15.82
C SER A 254 9.85 18.96 -16.32
N VAL A 255 8.78 18.64 -15.66
CA VAL A 255 7.90 17.54 -15.91
C VAL A 255 6.46 18.01 -16.06
N VAL A 256 5.83 17.64 -17.17
CA VAL A 256 4.42 17.88 -17.35
C VAL A 256 3.60 16.74 -16.75
N GLY A 257 2.77 17.09 -15.79
CA GLY A 257 1.97 16.06 -15.11
C GLY A 257 0.86 15.50 -15.96
N ILE A 258 0.62 14.19 -15.82
CA ILE A 258 -0.45 13.55 -16.57
C ILE A 258 -1.55 12.98 -15.68
N GLY A 259 -1.46 13.15 -14.37
CA GLY A 259 -2.48 12.79 -13.43
C GLY A 259 -2.40 11.39 -12.84
N ARG A 260 -3.14 11.16 -11.75
CA ARG A 260 -3.01 9.95 -10.96
C ARG A 260 -3.45 8.67 -11.67
N ASP A 261 -4.52 8.78 -12.45
CA ASP A 261 -5.07 7.59 -13.10
C ASP A 261 -4.11 7.06 -14.15
N LYS A 262 -3.46 7.92 -14.92
CA LYS A 262 -2.47 7.46 -15.89
C LYS A 262 -1.19 6.97 -15.22
N LEU A 263 -0.76 7.63 -14.16
CA LEU A 263 0.31 7.10 -13.33
C LEU A 263 0.02 5.63 -12.95
N GLY A 264 -1.18 5.40 -12.43
CA GLY A 264 -1.60 4.09 -11.97
C GLY A 264 -1.65 3.06 -13.08
N LYS A 265 -2.18 3.44 -14.24
CA LYS A 265 -2.18 2.53 -15.37
C LYS A 265 -0.76 2.24 -15.84
N ILE A 266 0.11 3.24 -15.89
CA ILE A 266 1.48 2.95 -16.34
C ILE A 266 2.24 2.07 -15.38
N PHE A 267 2.18 2.34 -14.08
CA PHE A 267 2.93 1.53 -13.15
C PHE A 267 2.31 0.16 -12.93
N TYR A 268 0.99 0.04 -13.02
CA TYR A 268 0.38 -1.28 -12.96
C TYR A 268 0.89 -2.15 -14.10
N ARG A 269 0.91 -1.61 -15.33
CA ARG A 269 1.36 -2.38 -16.48
C ARG A 269 2.83 -2.71 -16.38
N ALA A 270 3.63 -1.75 -15.91
CA ALA A 270 5.05 -2.03 -15.72
C ALA A 270 5.26 -3.18 -14.73
N LEU A 271 4.51 -3.09 -13.64
CA LEU A 271 4.65 -4.10 -12.58
C LEU A 271 4.33 -5.51 -13.07
N THR A 272 3.29 -5.62 -13.91
CA THR A 272 2.73 -6.94 -14.22
C THR A 272 3.22 -7.50 -15.53
N GLN A 273 3.81 -6.67 -16.40
CA GLN A 273 4.31 -7.13 -17.69
C GLN A 273 5.79 -6.94 -17.94
N TYR A 274 6.48 -6.02 -17.27
CA TYR A 274 7.87 -5.77 -17.70
C TYR A 274 8.87 -5.91 -16.58
N LEU A 275 8.53 -5.67 -15.33
CA LEU A 275 9.53 -5.82 -14.27
C LEU A 275 9.70 -7.30 -13.93
N THR A 276 10.86 -7.60 -13.44
CA THR A 276 11.48 -8.86 -13.06
C THR A 276 12.12 -8.80 -11.69
N PRO A 277 12.41 -9.93 -11.07
CA PRO A 277 12.95 -9.93 -9.72
C PRO A 277 14.18 -9.06 -9.53
N THR A 278 15.06 -8.88 -10.49
CA THR A 278 16.27 -8.11 -10.21
C THR A 278 16.28 -6.79 -10.96
N SER A 279 15.12 -6.26 -11.33
CA SER A 279 15.12 -4.98 -12.03
C SER A 279 15.76 -3.87 -11.22
N ASN A 280 16.55 -3.04 -11.92
CA ASN A 280 17.10 -1.87 -11.22
C ASN A 280 16.38 -0.62 -11.67
N PHE A 281 16.86 0.53 -11.16
CA PHE A 281 16.13 1.75 -11.49
C PHE A 281 16.11 2.06 -12.98
N SER A 282 17.23 1.87 -13.67
CA SER A 282 17.25 2.12 -15.11
CA SER A 282 17.20 2.17 -15.11
C SER A 282 16.25 1.21 -15.82
N GLN A 283 16.15 -0.02 -15.34
CA GLN A 283 15.22 -0.95 -15.96
C GLN A 283 13.77 -0.60 -15.67
N LEU A 284 13.55 0.04 -14.52
CA LEU A 284 12.21 0.51 -14.17
C LEU A 284 11.84 1.61 -15.15
N ARG A 285 12.79 2.50 -15.39
CA ARG A 285 12.50 3.58 -16.34
C ARG A 285 12.10 3.00 -17.71
N ALA A 286 12.87 2.05 -18.20
CA ALA A 286 12.53 1.42 -19.48
C ALA A 286 11.17 0.76 -19.48
N ALA A 287 10.85 0.05 -18.40
CA ALA A 287 9.54 -0.55 -18.28
C ALA A 287 8.38 0.44 -18.26
N ALA A 288 8.58 1.58 -17.60
CA ALA A 288 7.56 2.61 -17.50
C ALA A 288 7.39 3.28 -18.85
N VAL A 289 8.52 3.44 -19.55
CA VAL A 289 8.41 4.05 -20.88
C VAL A 289 7.68 3.11 -21.81
N GLN A 290 7.98 1.82 -21.71
CA GLN A 290 7.35 0.88 -22.65
C GLN A 290 5.87 0.73 -22.37
N SER A 291 5.56 0.81 -21.06
CA SER A 291 4.18 0.70 -20.62
C SER A 291 3.38 1.89 -21.14
N ALA A 292 3.94 3.09 -20.97
CA ALA A 292 3.24 4.29 -21.46
C ALA A 292 3.14 4.28 -23.00
N THR A 293 4.17 3.79 -23.67
CA THR A 293 4.12 3.56 -25.11
C THR A 293 2.98 2.64 -25.52
N ASP A 294 2.90 1.44 -24.94
CA ASP A 294 1.79 0.53 -25.13
C ASP A 294 0.43 1.18 -24.95
N LEU A 295 0.24 2.01 -23.92
CA LEU A 295 -1.06 2.52 -23.53
C LEU A 295 -1.49 3.78 -24.30
N TYR A 296 -0.56 4.66 -24.62
CA TYR A 296 -0.83 5.98 -25.17
C TYR A 296 -0.05 6.32 -26.43
N GLY A 297 0.89 5.48 -26.86
CA GLY A 297 1.65 5.72 -28.05
C GLY A 297 3.05 6.23 -27.84
N SER A 298 3.94 5.88 -28.76
CA SER A 298 5.35 6.25 -28.68
C SER A 298 5.51 7.77 -28.64
N THR A 299 4.56 8.45 -29.27
CA THR A 299 4.62 9.91 -29.47
C THR A 299 3.86 10.72 -28.44
N SER A 300 3.23 10.04 -27.48
CA SER A 300 2.39 10.71 -26.51
C SER A 300 3.17 11.60 -25.56
N GLN A 301 2.42 12.54 -25.02
CA GLN A 301 2.86 13.32 -23.89
C GLN A 301 3.17 12.40 -22.71
N GLU A 302 2.43 11.30 -22.58
CA GLU A 302 2.58 10.44 -21.40
C GLU A 302 3.99 9.88 -21.38
N VAL A 303 4.45 9.47 -22.58
CA VAL A 303 5.80 8.92 -22.66
C VAL A 303 6.82 10.00 -22.36
N ALA A 304 6.60 11.22 -22.88
CA ALA A 304 7.57 12.28 -22.67
C ALA A 304 7.69 12.60 -21.18
N SER A 305 6.54 12.54 -20.50
CA SER A 305 6.44 12.89 -19.10
C SER A 305 7.13 11.85 -18.20
N VAL A 306 6.94 10.60 -18.59
CA VAL A 306 7.69 9.57 -17.88
C VAL A 306 9.19 9.81 -18.06
N LYS A 307 9.66 10.06 -19.28
CA LYS A 307 11.09 10.32 -19.48
C LYS A 307 11.58 11.53 -18.69
N GLN A 308 10.79 12.63 -18.69
CA GLN A 308 11.18 13.80 -17.93
C GLN A 308 11.30 13.50 -16.43
N ALA A 309 10.37 12.68 -15.91
CA ALA A 309 10.37 12.45 -14.48
C ALA A 309 11.61 11.68 -14.05
N PHE A 310 11.93 10.65 -14.85
CA PHE A 310 13.14 9.88 -14.51
C PHE A 310 14.38 10.74 -14.71
N ASP A 311 14.40 11.57 -15.76
CA ASP A 311 15.51 12.50 -15.92
C ASP A 311 15.67 13.40 -14.68
N ALA A 312 14.55 13.90 -14.19
CA ALA A 312 14.54 14.79 -13.03
C ALA A 312 15.10 14.14 -11.77
N VAL A 313 14.95 12.84 -11.56
CA VAL A 313 15.58 12.24 -10.39
C VAL A 313 16.88 11.52 -10.70
N GLY A 314 17.47 11.73 -11.88
CA GLY A 314 18.77 11.22 -12.19
C GLY A 314 18.87 9.78 -12.64
N VAL A 315 17.77 9.24 -13.14
CA VAL A 315 17.74 7.83 -13.52
C VAL A 315 17.69 7.75 -15.03
N LYS A 316 18.76 7.22 -15.60
CA LYS A 316 18.99 7.07 -17.03
C LYS A 316 18.43 5.72 -17.50
C1 B3R B . 4.05 0.71 6.42
C2 B3R B . 3.97 2.10 6.47
C3 B3R B . 3.92 2.72 7.71
C4 B3R B . 4.06 -0.05 7.58
C5 B3R B . 4.02 0.60 8.82
C6 B3R B . 3.94 1.98 8.88
O7 B3R B . 4.13 0.09 5.17
BR8 B3R B . 3.79 4.58 7.77
C1 B3R C . -3.42 -6.94 -3.84
C2 B3R C . -4.19 -6.90 -2.68
C3 B3R C . -5.57 -6.98 -2.82
C4 B3R C . -4.02 -7.02 -5.10
C5 B3R C . -5.40 -7.12 -5.23
C6 B3R C . -6.17 -7.13 -4.08
O7 B3R C . -2.02 -6.88 -3.80
BR8 B3R C . -6.71 -6.88 -1.36
ZN ZN D . 6.68 -1.96 2.17
CA CA E . -1.32 9.31 2.91
CA CA F . -4.45 11.29 4.06
CA CA G . -19.96 -6.61 19.62
CA CA H . 1.27 12.81 13.62
C1 GOL I . -6.24 6.75 18.18
O1 GOL I . -7.47 7.33 17.72
C2 GOL I . -6.48 5.69 19.27
O2 GOL I . -5.24 5.20 19.82
C3 GOL I . -7.25 4.44 18.80
O3 GOL I . -6.55 3.35 19.46
C1 GOL J . 7.98 -12.48 5.83
O1 GOL J . 7.84 -11.55 4.76
C2 GOL J . 7.45 -11.84 7.15
O2 GOL J . 7.98 -10.52 7.26
C3 GOL J . 7.84 -12.67 8.39
O3 GOL J . 7.61 -11.95 9.61
C1 IPA K . 6.73 -8.31 2.96
C2 IPA K . 6.65 -6.88 3.55
C3 IPA K . 8.06 -6.51 4.08
O2 IPA K . 5.67 -6.22 4.38
#